data_8TJA
#
_entry.id   8TJA
#
_cell.length_a   100.687
_cell.length_b   100.687
_cell.length_c   394.716
_cell.angle_alpha   90.00
_cell.angle_beta   90.00
_cell.angle_gamma   120.00
#
_symmetry.space_group_name_H-M   'H 3 2'
#
loop_
_entity.id
_entity.type
_entity.pdbx_description
1 polymer 'Hemagglutinin HA1 chain'
2 polymer 'Hemagglutinin HA2 chain'
3 branched alpha-D-mannopyranose-(1-3)-[alpha-D-mannopyranose-(1-6)]beta-D-mannopyranose-(1-4)-2-acetamido-2-deoxy-beta-D-glucopyranose-(1-4)-2-acetamido-2-deoxy-beta-D-glucopyranose
4 branched beta-D-mannopyranose-(1-4)-2-acetamido-2-deoxy-beta-D-glucopyranose-(1-4)-2-acetamido-2-deoxy-beta-D-glucopyranose
5 branched 'N-acetyl-alpha-neuraminic acid-(2-6)-beta-D-galactopyranose-(1-4)-2-acetamido-2-deoxy-beta-D-glucopyranose-(1-3)-beta-D-galactopyranose-(1-4)-2-acetamido-2-deoxy-beta-D-glucopyranose'
6 non-polymer 2-acetamido-2-deoxy-beta-D-glucopyranose
7 non-polymer 'TETRAETHYLENE GLYCOL'
8 non-polymer 1,2-ETHANEDIOL
9 non-polymer DI(HYDROXYETHYL)ETHER
10 non-polymer 'SULFATE ION'
11 water water
#
loop_
_entity_poly.entity_id
_entity_poly.type
_entity_poly.pdbx_seq_one_letter_code
_entity_poly.pdbx_strand_id
1 'polypeptide(L)'
;ADPGATLCLGHHAVPNGTIVKTITNDRIEVTNATELVQNSSIGEICDSPHQILDGENCTLIDALLGDPQCDGFQNKKWDL
FVERNKAYSNCYPYDVPDYASLRSLVASSGTLEFNNESFNWAGVTQNGTSSSCIRGSKSSFFSRLNWLTHLNSKYPALNV
TMPNNEQFDKLYIWGVHHPGTDKDQISLYAQSSGRITVSTKRSQQAVIPNIGSRPRIRDIPSRISIYWTIVKPGDILLIN
STGNLIAPRGYFKIRSGKSSIMRSDAPIGKCKSECITPNGSIPNDKPFQNVNRITYGACPRYVKQSTLKLATGMRNVPER
QTR
;
A
2 'polypeptide(L)'
;GIFGAIAGFIENGWEGMVDGWYGFRHQNSEGRGQAADLKSTQAAIDQINGKLNRLIGKTNEKFHQIEKEFSEVEGRIQDL
EKYVEDTKIDLWSYNAELLVALENQHTIDLTDSEMNKLFEKTKKQLRENAEDMGNGCFKIYHKCDNACIGSIRNGTYDHN
VYRDEALNNRFQIK
;
B
#
# COMPACT_ATOMS: atom_id res chain seq x y z
N PRO A 3 -11.07 52.50 40.10
CA PRO A 3 -10.97 51.04 40.15
C PRO A 3 -10.26 50.41 38.94
N GLY A 4 -10.55 50.97 37.76
CA GLY A 4 -9.91 50.48 36.55
C GLY A 4 -10.54 49.19 36.06
N ALA A 5 -9.71 48.39 35.41
CA ALA A 5 -10.15 47.12 34.84
C ALA A 5 -8.96 46.19 34.73
N THR A 6 -9.26 44.91 34.57
CA THR A 6 -8.25 43.89 34.32
C THR A 6 -8.59 43.18 33.01
N LEU A 7 -7.60 43.07 32.13
CA LEU A 7 -7.77 42.37 30.85
C LEU A 7 -6.73 41.25 30.78
N CYS A 8 -7.21 40.02 30.74
CA CYS A 8 -6.35 38.84 30.78
C CYS A 8 -6.36 38.14 29.43
N LEU A 9 -5.17 37.80 28.95
CA LEU A 9 -5.01 37.05 27.71
C LEU A 9 -4.86 35.57 28.05
N GLY A 10 -5.46 34.72 27.24
CA GLY A 10 -5.40 33.30 27.55
C GLY A 10 -5.71 32.44 26.34
N HIS A 11 -5.73 31.14 26.60
CA HIS A 11 -5.96 30.13 25.57
C HIS A 11 -6.87 29.05 26.14
N HIS A 12 -7.43 28.24 25.25
CA HIS A 12 -8.38 27.23 25.69
C HIS A 12 -7.66 26.00 26.22
N ALA A 13 -8.44 25.11 26.82
CA ALA A 13 -7.96 23.81 27.27
C ALA A 13 -9.14 22.85 27.23
N VAL A 14 -8.83 21.55 27.26
CA VAL A 14 -9.87 20.52 27.18
C VAL A 14 -9.72 19.57 28.35
N PRO A 15 -10.79 18.90 28.79
CA PRO A 15 -10.66 17.90 29.86
C PRO A 15 -10.14 16.56 29.38
N ASN A 16 -10.13 16.29 28.08
CA ASN A 16 -9.70 15.00 27.53
C ASN A 16 -8.56 15.24 26.53
N GLY A 17 -7.35 15.44 27.06
CA GLY A 17 -6.19 15.64 26.21
C GLY A 17 -5.66 14.33 25.62
N THR A 18 -4.67 14.48 24.74
CA THR A 18 -4.06 13.35 24.05
C THR A 18 -2.54 13.46 24.17
N ILE A 19 -1.88 12.35 24.44
CA ILE A 19 -0.43 12.30 24.59
C ILE A 19 0.21 12.12 23.22
N VAL A 20 1.21 12.96 22.92
CA VAL A 20 1.99 12.86 21.69
C VAL A 20 3.47 12.94 22.04
N LYS A 21 4.30 12.63 21.06
CA LYS A 21 5.75 12.69 21.20
C LYS A 21 6.29 13.94 20.49
N THR A 22 7.36 14.50 21.04
CA THR A 22 8.07 15.59 20.38
C THR A 22 9.55 15.29 20.28
N ILE A 23 10.35 16.27 19.83
CA ILE A 23 11.79 16.12 19.80
C ILE A 23 12.37 16.03 21.22
N THR A 24 11.76 16.73 22.17
CA THR A 24 12.29 16.84 23.51
C THR A 24 11.52 16.02 24.55
N ASN A 25 10.33 15.53 24.23
CA ASN A 25 9.50 14.84 25.21
C ASN A 25 8.79 13.67 24.55
N ASP A 26 8.85 12.50 25.18
CA ASP A 26 8.14 11.34 24.68
C ASP A 26 6.68 11.33 25.07
N ARG A 27 6.30 12.12 26.07
CA ARG A 27 4.92 12.16 26.56
C ARG A 27 4.57 13.60 26.88
N ILE A 28 3.79 14.25 26.01
CA ILE A 28 3.30 15.59 26.25
C ILE A 28 1.86 15.67 25.77
N GLU A 29 1.02 16.37 26.53
CA GLU A 29 -0.42 16.37 26.30
C GLU A 29 -0.83 17.59 25.49
N VAL A 30 -1.53 17.36 24.38
CA VAL A 30 -2.09 18.41 23.55
C VAL A 30 -3.61 18.29 23.58
N THR A 31 -4.27 19.34 23.08
CA THR A 31 -5.74 19.38 23.12
C THR A 31 -6.36 18.37 22.18
N ASN A 32 -5.65 17.97 21.12
CA ASN A 32 -6.23 17.08 20.12
C ASN A 32 -5.10 16.54 19.25
N ALA A 33 -5.32 15.37 18.69
CA ALA A 33 -4.34 14.76 17.79
C ALA A 33 -5.08 13.90 16.77
N THR A 34 -4.35 13.48 15.74
CA THR A 34 -4.90 12.60 14.73
C THR A 34 -3.92 11.46 14.47
N GLU A 35 -4.47 10.28 14.22
CA GLU A 35 -3.66 9.08 14.03
C GLU A 35 -3.14 9.04 12.60
N LEU A 36 -1.85 8.75 12.46
CA LEU A 36 -1.22 8.71 11.14
C LEU A 36 -0.93 7.30 10.66
N VAL A 37 -1.19 6.28 11.47
CA VAL A 37 -0.93 4.89 11.13
C VAL A 37 -2.26 4.15 11.08
N GLN A 38 -2.63 3.67 9.90
CA GLN A 38 -3.80 2.81 9.75
C GLN A 38 -3.47 1.42 10.28
N ASN A 39 -4.21 0.95 11.29
CA ASN A 39 -3.91 -0.33 11.90
C ASN A 39 -5.04 -1.35 11.78
N SER A 40 -6.03 -1.10 10.92
CA SER A 40 -7.15 -2.00 10.80
C SER A 40 -7.55 -2.13 9.33
N SER A 41 -8.13 -3.28 9.00
CA SER A 41 -8.75 -3.52 7.71
C SER A 41 -10.19 -3.97 7.93
N ILE A 42 -11.03 -3.79 6.91
CA ILE A 42 -12.41 -4.22 7.00
C ILE A 42 -12.57 -5.72 6.84
N GLY A 43 -11.49 -6.46 6.62
CA GLY A 43 -11.53 -7.90 6.56
C GLY A 43 -11.92 -8.50 5.23
N GLU A 44 -12.21 -7.67 4.21
CA GLU A 44 -12.57 -8.17 2.91
C GLU A 44 -11.92 -7.32 1.84
N ILE A 45 -11.69 -7.93 0.68
CA ILE A 45 -11.09 -7.25 -0.47
C ILE A 45 -12.21 -6.65 -1.30
N CYS A 46 -12.29 -5.33 -1.35
CA CYS A 46 -13.34 -4.68 -2.12
C CYS A 46 -13.11 -4.89 -3.62
N ASP A 47 -14.18 -5.19 -4.34
CA ASP A 47 -14.07 -5.52 -5.76
C ASP A 47 -14.06 -4.28 -6.67
N SER A 48 -13.97 -3.08 -6.09
CA SER A 48 -13.84 -1.83 -6.82
C SER A 48 -12.80 -0.99 -6.11
N PRO A 49 -12.03 -0.16 -6.85
CA PRO A 49 -12.11 0.06 -8.30
C PRO A 49 -11.22 -0.87 -9.13
N HIS A 50 -10.49 -1.77 -8.49
CA HIS A 50 -9.62 -2.70 -9.19
C HIS A 50 -10.39 -3.95 -9.59
N GLN A 51 -10.14 -4.44 -10.81
CA GLN A 51 -10.78 -5.66 -11.28
C GLN A 51 -10.14 -6.86 -10.60
N ILE A 52 -10.88 -7.49 -9.69
CA ILE A 52 -10.39 -8.61 -8.91
C ILE A 52 -10.78 -9.91 -9.58
N LEU A 53 -9.84 -10.85 -9.63
CA LEU A 53 -10.10 -12.21 -10.10
C LEU A 53 -9.78 -13.17 -8.98
N ASP A 54 -10.82 -13.78 -8.41
CA ASP A 54 -10.66 -14.75 -7.33
C ASP A 54 -10.24 -16.09 -7.92
N GLY A 55 -9.00 -16.51 -7.64
CA GLY A 55 -8.50 -17.77 -8.16
C GLY A 55 -9.17 -19.00 -7.57
N GLU A 56 -9.84 -18.85 -6.43
CA GLU A 56 -10.51 -19.96 -5.74
C GLU A 56 -9.53 -21.12 -5.50
N ASN A 57 -9.80 -22.28 -6.09
CA ASN A 57 -8.96 -23.45 -5.90
C ASN A 57 -7.77 -23.50 -6.85
N CYS A 58 -7.57 -22.48 -7.68
CA CYS A 58 -6.58 -22.52 -8.75
C CYS A 58 -5.47 -21.52 -8.50
N THR A 59 -4.23 -21.99 -8.60
CA THR A 59 -3.11 -21.08 -8.72
C THR A 59 -3.12 -20.45 -10.11
N LEU A 60 -2.40 -19.33 -10.24
CA LEU A 60 -2.32 -18.67 -11.54
C LEU A 60 -1.68 -19.58 -12.58
N ILE A 61 -0.63 -20.32 -12.18
CA ILE A 61 0.05 -21.21 -13.12
C ILE A 61 -0.88 -22.34 -13.55
N ASP A 62 -1.68 -22.88 -12.62
CA ASP A 62 -2.61 -23.92 -13.00
C ASP A 62 -3.69 -23.40 -13.94
N ALA A 63 -4.15 -22.17 -13.72
CA ALA A 63 -5.06 -21.54 -14.66
C ALA A 63 -4.40 -21.30 -16.01
N LEU A 64 -3.09 -21.04 -16.00
CA LEU A 64 -2.35 -20.84 -17.25
C LEU A 64 -2.25 -22.14 -18.05
N LEU A 65 -1.84 -23.24 -17.39
CA LEU A 65 -1.62 -24.49 -18.10
C LEU A 65 -2.94 -25.12 -18.54
N GLY A 66 -4.00 -24.96 -17.76
CA GLY A 66 -5.28 -25.55 -18.11
C GLY A 66 -5.66 -26.74 -17.24
N ASP A 67 -5.36 -26.65 -15.95
CA ASP A 67 -5.82 -27.65 -15.00
C ASP A 67 -7.35 -27.74 -15.07
N PRO A 68 -7.92 -28.95 -15.05
CA PRO A 68 -9.37 -29.09 -15.26
C PRO A 68 -10.24 -28.25 -14.35
N GLN A 69 -9.88 -28.10 -13.07
CA GLN A 69 -10.70 -27.26 -12.19
C GLN A 69 -10.57 -25.77 -12.51
N CYS A 70 -9.74 -25.40 -13.49
CA CYS A 70 -9.48 -24.01 -13.82
C CYS A 70 -10.02 -23.62 -15.20
N ASP A 71 -10.92 -24.42 -15.77
CA ASP A 71 -11.42 -24.13 -17.12
C ASP A 71 -12.22 -22.84 -17.16
N GLY A 72 -12.87 -22.46 -16.06
CA GLY A 72 -13.60 -21.21 -16.02
C GLY A 72 -12.74 -19.97 -16.09
N PHE A 73 -11.42 -20.12 -15.94
CA PHE A 73 -10.50 -18.98 -15.96
C PHE A 73 -9.93 -18.71 -17.35
N GLN A 74 -10.31 -19.48 -18.37
CA GLN A 74 -9.79 -19.27 -19.71
C GLN A 74 -10.10 -17.86 -20.20
N ASN A 75 -9.08 -17.19 -20.74
CA ASN A 75 -9.20 -15.88 -21.38
C ASN A 75 -9.64 -14.78 -20.41
N LYS A 76 -9.52 -15.02 -19.09
CA LYS A 76 -9.92 -13.99 -18.14
C LYS A 76 -8.82 -12.95 -17.98
N LYS A 77 -9.21 -11.77 -17.51
CA LYS A 77 -8.30 -10.66 -17.27
C LYS A 77 -8.47 -10.17 -15.84
N TRP A 78 -7.49 -9.41 -15.36
CA TRP A 78 -7.51 -8.98 -13.97
C TRP A 78 -6.58 -7.79 -13.77
N ASP A 79 -6.97 -6.93 -12.82
CA ASP A 79 -6.01 -6.02 -12.23
C ASP A 79 -5.25 -6.70 -11.10
N LEU A 80 -5.94 -7.46 -10.24
CA LEU A 80 -5.32 -8.19 -9.16
C LEU A 80 -5.85 -9.61 -9.15
N PHE A 81 -4.96 -10.58 -9.32
CA PHE A 81 -5.30 -11.99 -9.18
C PHE A 81 -5.11 -12.38 -7.71
N VAL A 82 -6.16 -12.89 -7.09
CA VAL A 82 -6.13 -13.27 -5.68
C VAL A 82 -5.93 -14.78 -5.61
N GLU A 83 -4.76 -15.20 -5.15
CA GLU A 83 -4.39 -16.60 -5.06
C GLU A 83 -4.66 -17.10 -3.66
N ARG A 84 -5.54 -18.10 -3.55
CA ARG A 84 -5.92 -18.64 -2.25
C ARG A 84 -4.90 -19.65 -1.75
N ASN A 85 -4.70 -19.67 -0.44
CA ASN A 85 -3.75 -20.62 0.15
C ASN A 85 -4.28 -22.05 0.11
N LYS A 86 -5.58 -22.23 -0.09
CA LYS A 86 -6.16 -23.57 -0.22
C LYS A 86 -5.97 -24.17 -1.61
N ALA A 87 -5.46 -23.39 -2.58
CA ALA A 87 -5.37 -23.86 -3.95
C ALA A 87 -4.44 -25.07 -4.05
N TYR A 88 -4.79 -26.00 -4.93
CA TYR A 88 -4.04 -27.24 -5.10
C TYR A 88 -4.10 -27.66 -6.56
N SER A 89 -3.05 -28.34 -7.01
CA SER A 89 -3.02 -28.87 -8.36
C SER A 89 -3.72 -30.22 -8.41
N ASN A 90 -4.31 -30.53 -9.57
CA ASN A 90 -5.07 -31.76 -9.72
C ASN A 90 -4.98 -32.25 -11.17
N CYS A 91 -3.78 -32.17 -11.77
CA CYS A 91 -3.57 -32.65 -13.12
C CYS A 91 -2.28 -33.49 -13.14
N TYR A 92 -1.61 -33.53 -14.29
CA TYR A 92 -0.35 -34.26 -14.36
C TYR A 92 0.69 -33.59 -13.48
N PRO A 93 1.49 -34.36 -12.74
CA PRO A 93 2.52 -33.76 -11.88
C PRO A 93 3.56 -33.02 -12.71
N TYR A 94 3.87 -31.79 -12.29
CA TYR A 94 4.76 -30.93 -13.05
C TYR A 94 5.55 -30.04 -12.10
N ASP A 95 6.61 -29.46 -12.63
CA ASP A 95 7.29 -28.35 -11.98
C ASP A 95 7.63 -27.30 -13.02
N VAL A 96 7.97 -26.10 -12.55
CA VAL A 96 8.41 -25.02 -13.41
C VAL A 96 9.76 -24.53 -12.93
N PRO A 97 10.85 -24.81 -13.64
CA PRO A 97 12.11 -24.13 -13.33
C PRO A 97 11.91 -22.62 -13.41
N ASP A 98 12.29 -21.93 -12.33
CA ASP A 98 12.00 -20.51 -12.16
C ASP A 98 10.48 -20.27 -12.16
N TYR A 99 9.78 -21.09 -11.37
CA TYR A 99 8.33 -20.95 -11.21
C TYR A 99 7.96 -19.52 -10.83
N ALA A 100 8.72 -18.90 -9.92
CA ALA A 100 8.36 -17.57 -9.45
C ALA A 100 8.38 -16.54 -10.58
N SER A 101 9.28 -16.70 -11.56
CA SER A 101 9.37 -15.73 -12.64
C SER A 101 8.22 -15.86 -13.62
N LEU A 102 7.81 -17.10 -13.93
CA LEU A 102 6.66 -17.28 -14.82
C LEU A 102 5.39 -16.75 -14.16
N ARG A 103 5.19 -17.06 -12.89
CA ARG A 103 4.05 -16.53 -12.14
C ARG A 103 4.08 -15.00 -12.12
N SER A 104 5.27 -14.42 -11.98
CA SER A 104 5.38 -12.96 -11.91
C SER A 104 5.04 -12.32 -13.25
N LEU A 105 5.60 -12.85 -14.35
CA LEU A 105 5.39 -12.19 -15.63
C LEU A 105 3.96 -12.36 -16.13
N VAL A 106 3.30 -13.47 -15.80
CA VAL A 106 1.91 -13.63 -16.18
C VAL A 106 1.02 -12.74 -15.33
N ALA A 107 1.27 -12.69 -14.02
CA ALA A 107 0.50 -11.82 -13.14
C ALA A 107 0.65 -10.36 -13.56
N SER A 108 1.87 -9.93 -13.90
CA SER A 108 2.08 -8.57 -14.34
C SER A 108 1.42 -8.30 -15.68
N SER A 109 1.31 -9.32 -16.53
CA SER A 109 0.67 -9.13 -17.82
C SER A 109 -0.84 -8.93 -17.66
N GLY A 110 -1.45 -9.65 -16.72
CA GLY A 110 -2.84 -9.41 -16.38
C GLY A 110 -3.87 -10.05 -17.29
N THR A 111 -3.49 -11.08 -18.05
CA THR A 111 -4.46 -11.66 -18.97
C THR A 111 -4.08 -13.11 -19.27
N LEU A 112 -5.11 -13.92 -19.46
CA LEU A 112 -4.93 -15.29 -19.92
C LEU A 112 -5.50 -15.51 -21.31
N GLU A 113 -5.65 -14.44 -22.10
CA GLU A 113 -6.09 -14.60 -23.48
C GLU A 113 -5.17 -15.55 -24.23
N PHE A 114 -5.77 -16.54 -24.88
CA PHE A 114 -5.05 -17.60 -25.57
C PHE A 114 -5.61 -17.73 -26.98
N ASN A 115 -4.72 -17.74 -27.97
CA ASN A 115 -5.10 -17.91 -29.37
C ASN A 115 -4.56 -19.25 -29.86
N ASN A 116 -5.46 -20.12 -30.32
CA ASN A 116 -5.04 -21.41 -30.84
C ASN A 116 -4.27 -21.24 -32.15
N GLU A 117 -3.27 -22.08 -32.35
CA GLU A 117 -2.52 -22.12 -33.60
C GLU A 117 -2.41 -23.58 -34.06
N SER A 118 -2.42 -23.76 -35.38
CA SER A 118 -2.37 -25.09 -35.97
C SER A 118 -0.92 -25.44 -36.26
N PHE A 119 -0.30 -26.20 -35.38
CA PHE A 119 1.04 -26.72 -35.63
C PHE A 119 0.96 -27.99 -36.48
N ASN A 120 2.00 -28.22 -37.28
CA ASN A 120 2.05 -29.39 -38.17
C ASN A 120 2.82 -30.50 -37.47
N TRP A 121 2.12 -31.20 -36.57
CA TRP A 121 2.70 -32.33 -35.86
C TRP A 121 2.58 -33.59 -36.70
N ALA A 122 3.25 -33.56 -37.85
CA ALA A 122 3.14 -34.66 -38.82
C ALA A 122 3.86 -35.89 -38.30
N GLY A 123 3.14 -37.00 -38.25
CA GLY A 123 3.72 -38.30 -37.95
C GLY A 123 3.61 -38.76 -36.51
N VAL A 124 3.00 -37.98 -35.63
CA VAL A 124 2.92 -38.35 -34.22
C VAL A 124 1.46 -38.37 -33.78
N THR A 125 1.23 -39.02 -32.65
CA THR A 125 -0.08 -39.03 -32.01
C THR A 125 -0.22 -37.81 -31.10
N GLN A 126 -1.33 -37.11 -31.23
CA GLN A 126 -1.59 -35.93 -30.43
C GLN A 126 -2.53 -36.25 -29.27
N ASN A 127 -2.68 -35.28 -28.37
CA ASN A 127 -3.77 -35.26 -27.39
C ASN A 127 -3.67 -36.41 -26.38
N GLY A 128 -2.46 -36.69 -25.91
CA GLY A 128 -2.29 -37.69 -24.87
C GLY A 128 -2.93 -37.25 -23.57
N THR A 129 -3.46 -38.24 -22.84
CA THR A 129 -4.20 -37.99 -21.61
C THR A 129 -3.62 -38.81 -20.47
N SER A 130 -4.20 -38.62 -19.28
CA SER A 130 -3.76 -39.32 -18.09
C SER A 130 -4.89 -39.34 -17.07
N SER A 131 -4.97 -40.43 -16.31
CA SER A 131 -5.96 -40.54 -15.24
C SER A 131 -5.64 -39.63 -14.05
N SER A 132 -4.44 -39.05 -14.01
CA SER A 132 -4.12 -38.06 -12.99
C SER A 132 -4.72 -36.70 -13.27
N CYS A 133 -5.38 -36.52 -14.42
CA CYS A 133 -5.90 -35.23 -14.87
C CYS A 133 -7.30 -35.49 -15.45
N ILE A 134 -8.28 -35.60 -14.57
CA ILE A 134 -9.64 -35.96 -14.96
C ILE A 134 -10.42 -34.71 -15.32
N ARG A 135 -11.04 -34.72 -16.50
CA ARG A 135 -11.91 -33.64 -16.96
C ARG A 135 -13.19 -34.26 -17.50
N GLY A 136 -14.30 -34.02 -16.82
CA GLY A 136 -15.57 -34.61 -17.23
C GLY A 136 -15.62 -36.11 -17.06
N SER A 137 -15.06 -36.63 -15.96
CA SER A 137 -15.03 -38.04 -15.61
C SER A 137 -14.18 -38.88 -16.56
N LYS A 138 -13.41 -38.24 -17.44
CA LYS A 138 -12.52 -38.94 -18.37
C LYS A 138 -11.08 -38.50 -18.15
N SER A 139 -10.15 -39.37 -18.54
CA SER A 139 -8.74 -39.03 -18.51
C SER A 139 -8.47 -37.89 -19.48
N SER A 140 -7.73 -36.89 -19.05
CA SER A 140 -7.53 -35.69 -19.86
C SER A 140 -6.12 -35.16 -19.62
N PHE A 141 -5.92 -33.87 -19.89
CA PHE A 141 -4.60 -33.26 -19.83
C PHE A 141 -4.78 -31.75 -19.71
N PHE A 142 -3.66 -31.06 -19.52
CA PHE A 142 -3.67 -29.60 -19.51
C PHE A 142 -4.29 -29.08 -20.81
N SER A 143 -5.26 -28.17 -20.68
CA SER A 143 -6.04 -27.73 -21.84
C SER A 143 -5.18 -27.00 -22.86
N ARG A 144 -4.13 -26.31 -22.42
CA ARG A 144 -3.29 -25.52 -23.30
C ARG A 144 -2.05 -26.27 -23.78
N LEU A 145 -1.90 -27.54 -23.41
CA LEU A 145 -0.72 -28.32 -23.77
C LEU A 145 -1.14 -29.56 -24.55
N ASN A 146 -0.23 -30.04 -25.40
CA ASN A 146 -0.51 -31.15 -26.32
C ASN A 146 0.55 -32.23 -26.10
N TRP A 147 0.14 -33.33 -25.48
CA TRP A 147 1.05 -34.44 -25.21
C TRP A 147 1.19 -35.28 -26.47
N LEU A 148 2.35 -35.17 -27.14
CA LEU A 148 2.61 -35.92 -28.36
C LEU A 148 3.33 -37.23 -28.03
N THR A 149 2.88 -38.31 -28.69
CA THR A 149 3.47 -39.63 -28.53
C THR A 149 3.64 -40.28 -29.89
N HIS A 150 4.14 -41.52 -29.88
CA HIS A 150 4.47 -42.20 -31.13
C HIS A 150 3.22 -42.53 -31.92
N LEU A 151 3.41 -42.71 -33.23
CA LEU A 151 2.37 -43.20 -34.13
C LEU A 151 2.94 -44.41 -34.87
N ASN A 152 2.30 -45.57 -34.70
CA ASN A 152 2.74 -46.83 -35.29
C ASN A 152 4.17 -47.17 -34.85
N SER A 153 4.45 -46.96 -33.57
CA SER A 153 5.76 -47.19 -32.96
C SER A 153 6.86 -46.38 -33.64
N LYS A 154 6.51 -45.26 -34.25
CA LYS A 154 7.46 -44.35 -34.87
C LYS A 154 7.23 -42.95 -34.32
N TYR A 155 8.30 -42.30 -33.89
CA TYR A 155 8.28 -40.89 -33.50
C TYR A 155 9.19 -40.16 -34.47
N PRO A 156 8.69 -39.78 -35.64
CA PRO A 156 9.52 -39.03 -36.59
C PRO A 156 9.89 -37.68 -36.01
N ALA A 157 11.10 -37.24 -36.34
CA ALA A 157 11.60 -35.98 -35.80
C ALA A 157 10.68 -34.83 -36.18
N LEU A 158 10.39 -33.97 -35.21
CA LEU A 158 9.57 -32.79 -35.41
C LEU A 158 10.43 -31.59 -35.70
N ASN A 159 10.01 -30.79 -36.67
CA ASN A 159 10.72 -29.56 -37.03
C ASN A 159 9.66 -28.59 -37.58
N VAL A 160 9.09 -27.80 -36.67
CA VAL A 160 7.92 -26.98 -36.97
C VAL A 160 8.24 -25.52 -36.69
N THR A 161 7.74 -24.63 -37.54
CA THR A 161 7.89 -23.19 -37.35
C THR A 161 6.53 -22.53 -37.18
N MET A 162 6.53 -21.41 -36.48
CA MET A 162 5.33 -20.61 -36.28
C MET A 162 5.76 -19.15 -36.24
N PRO A 163 5.63 -18.43 -37.34
CA PRO A 163 6.08 -17.03 -37.37
C PRO A 163 5.11 -16.13 -36.62
N ASN A 164 5.68 -15.09 -36.01
CA ASN A 164 4.90 -14.05 -35.35
C ASN A 164 4.74 -12.90 -36.33
N ASN A 165 3.62 -12.87 -37.04
CA ASN A 165 3.28 -11.79 -37.94
C ASN A 165 2.31 -10.79 -37.32
N GLU A 166 2.17 -10.82 -36.00
CA GLU A 166 1.32 -9.88 -35.29
C GLU A 166 2.11 -8.62 -34.94
N GLN A 167 1.45 -7.68 -34.26
CA GLN A 167 2.08 -6.46 -33.78
C GLN A 167 2.41 -6.53 -32.30
N PHE A 168 2.24 -7.70 -31.68
CA PHE A 168 2.47 -7.87 -30.25
C PHE A 168 3.33 -9.11 -30.02
N ASP A 169 3.81 -9.25 -28.79
CA ASP A 169 4.60 -10.39 -28.40
C ASP A 169 3.71 -11.59 -28.09
N LYS A 170 4.22 -12.78 -28.44
CA LYS A 170 3.56 -14.03 -28.13
C LYS A 170 4.28 -14.73 -26.98
N LEU A 171 3.53 -15.27 -26.03
CA LEU A 171 4.07 -16.06 -24.94
C LEU A 171 3.67 -17.51 -25.15
N TYR A 172 4.66 -18.38 -25.37
CA TYR A 172 4.42 -19.79 -25.60
C TYR A 172 4.79 -20.58 -24.36
N ILE A 173 3.88 -21.46 -23.93
CA ILE A 173 4.11 -22.37 -22.81
C ILE A 173 4.24 -23.77 -23.37
N TRP A 174 5.36 -24.42 -23.07
CA TRP A 174 5.61 -25.78 -23.54
C TRP A 174 6.31 -26.54 -22.42
N GLY A 175 6.57 -27.83 -22.65
CA GLY A 175 7.11 -28.67 -21.60
C GLY A 175 7.91 -29.85 -22.12
N VAL A 176 8.54 -30.54 -21.18
CA VAL A 176 9.33 -31.74 -21.45
C VAL A 176 8.87 -32.82 -20.47
N HIS A 177 8.56 -33.99 -21.00
CA HIS A 177 8.12 -35.11 -20.17
C HIS A 177 9.32 -35.93 -19.73
N HIS A 178 9.45 -36.12 -18.42
CA HIS A 178 10.49 -36.97 -17.84
C HIS A 178 9.87 -38.31 -17.48
N PRO A 179 10.01 -39.35 -18.29
CA PRO A 179 9.39 -40.64 -17.95
C PRO A 179 10.03 -41.25 -16.72
N GLY A 180 9.23 -42.03 -15.99
CA GLY A 180 9.72 -42.65 -14.77
C GLY A 180 10.76 -43.73 -15.04
N THR A 181 10.59 -44.48 -16.13
CA THR A 181 11.49 -45.58 -16.46
C THR A 181 11.86 -45.53 -17.94
N ASP A 182 12.90 -46.29 -18.29
CA ASP A 182 13.24 -46.46 -19.70
C ASP A 182 12.14 -47.20 -20.45
N LYS A 183 11.38 -48.05 -19.75
CA LYS A 183 10.23 -48.70 -20.36
C LYS A 183 9.19 -47.68 -20.80
N ASP A 184 8.91 -46.70 -19.93
CA ASP A 184 7.95 -45.67 -20.29
C ASP A 184 8.45 -44.82 -21.45
N GLN A 185 9.75 -44.54 -21.49
CA GLN A 185 10.33 -43.78 -22.59
C GLN A 185 10.10 -44.47 -23.93
N ILE A 186 10.31 -45.78 -23.98
CA ILE A 186 10.05 -46.54 -25.20
C ILE A 186 8.56 -46.58 -25.48
N SER A 187 7.74 -46.80 -24.44
CA SER A 187 6.30 -46.93 -24.62
C SER A 187 5.69 -45.67 -25.23
N LEU A 188 6.19 -44.49 -24.84
CA LEU A 188 5.60 -43.24 -25.27
C LEU A 188 6.21 -42.69 -26.54
N TYR A 189 7.53 -42.78 -26.70
CA TYR A 189 8.22 -42.07 -27.77
C TYR A 189 9.02 -42.97 -28.69
N ALA A 190 9.00 -44.29 -28.46
CA ALA A 190 9.54 -45.28 -29.41
C ALA A 190 11.02 -45.09 -29.67
N GLN A 191 11.74 -44.48 -28.73
CA GLN A 191 13.20 -44.40 -28.80
C GLN A 191 13.74 -44.07 -27.43
N SER A 192 15.03 -44.34 -27.24
CA SER A 192 15.62 -44.40 -25.91
C SER A 192 15.86 -43.03 -25.28
N SER A 193 16.00 -41.97 -26.08
CA SER A 193 16.27 -40.66 -25.52
C SER A 193 15.74 -39.59 -26.45
N GLY A 194 15.12 -38.56 -25.87
CA GLY A 194 14.58 -37.46 -26.64
C GLY A 194 15.46 -36.22 -26.58
N ARG A 195 15.26 -35.35 -27.55
CA ARG A 195 15.85 -34.02 -27.57
C ARG A 195 14.76 -33.02 -27.88
N ILE A 196 14.88 -31.84 -27.27
CA ILE A 196 13.94 -30.75 -27.54
C ILE A 196 14.74 -29.46 -27.66
N THR A 197 14.58 -28.78 -28.80
CA THR A 197 15.22 -27.50 -29.04
C THR A 197 14.15 -26.50 -29.48
N VAL A 198 13.94 -25.47 -28.67
CA VAL A 198 12.98 -24.41 -28.96
C VAL A 198 13.76 -23.12 -29.10
N SER A 199 13.66 -22.49 -30.27
CA SER A 199 14.51 -21.34 -30.56
C SER A 199 13.76 -20.30 -31.37
N THR A 200 14.27 -19.07 -31.31
CA THR A 200 13.86 -17.99 -32.20
C THR A 200 15.13 -17.35 -32.77
N LYS A 201 14.98 -16.20 -33.45
CA LYS A 201 16.16 -15.48 -33.90
C LYS A 201 16.91 -14.84 -32.74
N ARG A 202 16.29 -14.70 -31.57
CA ARG A 202 16.91 -14.04 -30.42
C ARG A 202 17.25 -14.99 -29.28
N SER A 203 16.67 -16.19 -29.24
CA SER A 203 16.84 -17.06 -28.08
C SER A 203 16.87 -18.50 -28.54
N GLN A 204 17.43 -19.36 -27.68
CA GLN A 204 17.45 -20.79 -27.90
C GLN A 204 17.33 -21.50 -26.56
N GLN A 205 16.50 -22.54 -26.51
CA GLN A 205 16.33 -23.35 -25.31
C GLN A 205 16.39 -24.81 -25.72
N ALA A 206 17.30 -25.56 -25.08
CA ALA A 206 17.48 -26.98 -25.35
C ALA A 206 17.35 -27.76 -24.05
N VAL A 207 16.49 -28.77 -24.05
CA VAL A 207 16.23 -29.57 -22.86
C VAL A 207 16.37 -31.05 -23.21
N ILE A 208 17.02 -31.79 -22.34
CA ILE A 208 17.12 -33.24 -22.44
C ILE A 208 16.29 -33.85 -21.33
N PRO A 209 15.43 -34.83 -21.61
CA PRO A 209 14.67 -35.48 -20.54
C PRO A 209 15.58 -36.26 -19.61
N ASN A 210 15.17 -36.35 -18.35
CA ASN A 210 15.90 -37.07 -17.31
C ASN A 210 15.01 -38.21 -16.82
N ILE A 211 15.38 -39.44 -17.18
CA ILE A 211 14.58 -40.61 -16.84
C ILE A 211 14.92 -41.04 -15.42
N GLY A 212 13.89 -41.38 -14.66
CA GLY A 212 14.07 -41.81 -13.29
C GLY A 212 12.77 -41.77 -12.53
N SER A 213 12.70 -42.58 -11.48
CA SER A 213 11.51 -42.67 -10.66
C SER A 213 11.42 -41.48 -9.72
N ARG A 214 10.28 -40.79 -9.75
CA ARG A 214 9.90 -39.80 -8.77
C ARG A 214 8.77 -40.34 -7.90
N PRO A 215 8.64 -39.86 -6.65
CA PRO A 215 7.50 -40.29 -5.83
C PRO A 215 6.20 -40.00 -6.56
N ARG A 216 5.29 -40.97 -6.51
CA ARG A 216 4.06 -40.90 -7.29
C ARG A 216 3.09 -39.89 -6.73
N ILE A 217 2.51 -39.15 -7.66
CA ILE A 217 1.42 -38.24 -7.39
C ILE A 217 0.26 -38.65 -8.29
N ARG A 218 -0.84 -39.05 -7.68
CA ARG A 218 -1.98 -39.62 -8.40
C ARG A 218 -1.50 -40.79 -9.29
N ASP A 219 -0.64 -41.63 -8.70
CA ASP A 219 -0.11 -42.84 -9.30
C ASP A 219 0.80 -42.59 -10.51
N ILE A 220 1.39 -41.40 -10.61
CA ILE A 220 2.27 -41.05 -11.73
C ILE A 220 3.67 -40.85 -11.20
N PRO A 221 4.64 -41.68 -11.58
CA PRO A 221 6.04 -41.45 -11.18
C PRO A 221 6.81 -40.55 -12.14
N SER A 222 6.21 -40.18 -13.27
CA SER A 222 6.84 -39.29 -14.23
C SER A 222 6.58 -37.83 -13.83
N ARG A 223 7.26 -36.92 -14.54
CA ARG A 223 7.14 -35.49 -14.30
C ARG A 223 7.24 -34.73 -15.60
N ILE A 224 6.57 -33.58 -15.67
CA ILE A 224 6.70 -32.64 -16.76
C ILE A 224 7.37 -31.39 -16.22
N SER A 225 8.31 -30.84 -17.00
CA SER A 225 8.96 -29.58 -16.67
C SER A 225 8.47 -28.52 -17.65
N ILE A 226 7.99 -27.39 -17.12
CA ILE A 226 7.37 -26.35 -17.91
C ILE A 226 8.39 -25.27 -18.24
N TYR A 227 8.43 -24.85 -19.51
CA TYR A 227 9.27 -23.76 -19.97
C TYR A 227 8.42 -22.77 -20.75
N TRP A 228 8.97 -21.58 -20.99
CA TRP A 228 8.26 -20.56 -21.74
C TRP A 228 9.22 -19.86 -22.69
N THR A 229 8.65 -19.31 -23.77
CA THR A 229 9.40 -18.60 -24.80
C THR A 229 8.57 -17.43 -25.29
N ILE A 230 9.20 -16.27 -25.41
CA ILE A 230 8.54 -15.06 -25.92
C ILE A 230 9.04 -14.81 -27.34
N VAL A 231 8.10 -14.61 -28.26
CA VAL A 231 8.41 -14.40 -29.67
C VAL A 231 8.01 -12.98 -30.04
N LYS A 232 8.99 -12.17 -30.43
CA LYS A 232 8.77 -10.80 -30.85
C LYS A 232 8.12 -10.74 -32.23
N PRO A 233 7.46 -9.64 -32.56
CA PRO A 233 6.93 -9.48 -33.93
C PRO A 233 8.04 -9.55 -34.96
N GLY A 234 7.76 -10.23 -36.07
CA GLY A 234 8.75 -10.47 -37.09
C GLY A 234 9.68 -11.63 -36.83
N ASP A 235 9.65 -12.21 -35.63
CA ASP A 235 10.45 -13.38 -35.32
C ASP A 235 9.64 -14.65 -35.57
N ILE A 236 10.28 -15.80 -35.40
CA ILE A 236 9.66 -17.09 -35.68
C ILE A 236 9.98 -18.04 -34.54
N LEU A 237 8.99 -18.83 -34.14
CA LEU A 237 9.19 -19.95 -33.22
C LEU A 237 9.56 -21.18 -34.01
N LEU A 238 10.64 -21.85 -33.61
CA LEU A 238 11.08 -23.09 -34.24
C LEU A 238 11.18 -24.16 -33.18
N ILE A 239 10.39 -25.23 -33.33
CA ILE A 239 10.41 -26.37 -32.43
C ILE A 239 11.01 -27.56 -33.16
N ASN A 240 12.04 -28.15 -32.57
CA ASN A 240 12.83 -29.22 -33.18
C ASN A 240 13.03 -30.29 -32.12
N SER A 241 12.31 -31.41 -32.25
CA SER A 241 12.30 -32.42 -31.19
C SER A 241 12.21 -33.82 -31.78
N THR A 242 12.80 -34.78 -31.08
CA THR A 242 12.73 -36.19 -31.42
C THR A 242 12.07 -37.02 -30.34
N GLY A 243 11.33 -36.39 -29.43
CA GLY A 243 10.61 -37.09 -28.40
C GLY A 243 10.49 -36.27 -27.13
N ASN A 244 9.53 -36.67 -26.28
CA ASN A 244 9.31 -36.11 -24.96
C ASN A 244 8.80 -34.66 -24.99
N LEU A 245 8.35 -34.18 -26.14
CA LEU A 245 7.88 -32.81 -26.25
C LEU A 245 6.44 -32.71 -25.78
N ILE A 246 6.19 -31.82 -24.82
CA ILE A 246 4.85 -31.39 -24.45
C ILE A 246 4.60 -30.09 -25.21
N ALA A 247 3.83 -30.18 -26.28
CA ALA A 247 3.75 -29.11 -27.26
C ALA A 247 2.75 -28.04 -26.83
N PRO A 248 2.95 -26.81 -27.28
CA PRO A 248 1.93 -25.77 -27.05
C PRO A 248 0.81 -25.88 -28.08
N ARG A 249 -0.37 -25.44 -27.68
CA ARG A 249 -1.53 -25.38 -28.56
C ARG A 249 -1.74 -23.99 -29.16
N GLY A 250 -0.88 -23.05 -28.82
CA GLY A 250 -1.03 -21.67 -29.27
C GLY A 250 -0.17 -20.77 -28.39
N TYR A 251 -0.55 -19.50 -28.36
CA TYR A 251 0.19 -18.49 -27.62
C TYR A 251 -0.74 -17.70 -26.71
N PHE A 252 -0.16 -17.19 -25.63
CA PHE A 252 -0.83 -16.22 -24.77
C PHE A 252 -0.41 -14.83 -25.17
N LYS A 253 -1.35 -13.89 -25.16
CA LYS A 253 -1.00 -12.49 -25.24
C LYS A 253 -0.28 -12.06 -23.97
N ILE A 254 0.83 -11.35 -24.13
CA ILE A 254 1.58 -10.83 -22.99
C ILE A 254 1.57 -9.31 -23.09
N ARG A 255 1.05 -8.66 -22.05
CA ARG A 255 0.86 -7.22 -22.02
C ARG A 255 1.70 -6.60 -20.91
N SER A 256 1.70 -5.26 -20.90
CA SER A 256 2.30 -4.48 -19.83
C SER A 256 1.22 -3.60 -19.20
N GLY A 257 1.27 -3.47 -17.89
CA GLY A 257 0.28 -2.67 -17.20
C GLY A 257 0.45 -2.77 -15.69
N LYS A 258 -0.63 -2.46 -14.98
CA LYS A 258 -0.63 -2.36 -13.53
C LYS A 258 -1.09 -3.65 -12.84
N SER A 259 -1.18 -4.75 -13.56
CA SER A 259 -1.71 -5.97 -12.96
C SER A 259 -0.67 -6.63 -12.06
N SER A 260 -1.16 -7.43 -11.12
CA SER A 260 -0.31 -8.14 -10.17
C SER A 260 -1.09 -9.30 -9.58
N ILE A 261 -0.48 -9.97 -8.60
CA ILE A 261 -1.05 -11.12 -7.92
C ILE A 261 -0.81 -10.96 -6.44
N MET A 262 -1.73 -11.47 -5.63
CA MET A 262 -1.63 -11.39 -4.18
C MET A 262 -2.15 -12.67 -3.56
N ARG A 263 -1.43 -13.18 -2.57
CA ARG A 263 -1.87 -14.34 -1.80
C ARG A 263 -2.73 -13.85 -0.64
N SER A 264 -3.95 -14.36 -0.54
CA SER A 264 -4.86 -13.89 0.49
C SER A 264 -5.98 -14.90 0.65
N ASP A 265 -6.49 -15.00 1.88
CA ASP A 265 -7.68 -15.78 2.18
C ASP A 265 -8.88 -14.91 2.51
N ALA A 266 -8.74 -13.59 2.40
CA ALA A 266 -9.85 -12.70 2.72
C ALA A 266 -10.93 -12.80 1.64
N PRO A 267 -12.21 -12.72 2.03
CA PRO A 267 -13.27 -12.80 1.02
C PRO A 267 -13.36 -11.52 0.20
N ILE A 268 -13.98 -11.65 -0.97
CA ILE A 268 -14.22 -10.52 -1.86
C ILE A 268 -15.56 -9.89 -1.48
N GLY A 269 -15.56 -8.57 -1.31
CA GLY A 269 -16.79 -7.87 -0.95
C GLY A 269 -17.21 -6.87 -2.01
N LYS A 270 -18.48 -6.46 -1.98
CA LYS A 270 -19.00 -5.46 -2.91
C LYS A 270 -18.87 -4.09 -2.25
N CYS A 271 -17.68 -3.51 -2.39
CA CYS A 271 -17.37 -2.20 -1.82
C CYS A 271 -16.30 -1.55 -2.68
N LYS A 272 -15.91 -0.34 -2.28
CA LYS A 272 -14.91 0.45 -2.99
C LYS A 272 -13.77 0.80 -2.06
N SER A 273 -12.53 0.54 -2.51
CA SER A 273 -11.34 0.86 -1.73
C SER A 273 -10.13 0.83 -2.64
N GLU A 274 -9.34 1.89 -2.61
CA GLU A 274 -8.17 1.99 -3.48
C GLU A 274 -7.06 1.03 -3.06
N CYS A 275 -6.94 0.74 -1.76
CA CYS A 275 -5.80 -0.01 -1.23
C CYS A 275 -6.22 -1.40 -0.82
N ILE A 276 -5.47 -2.40 -1.29
CA ILE A 276 -5.73 -3.80 -1.00
C ILE A 276 -4.52 -4.38 -0.27
N THR A 277 -4.77 -5.11 0.81
CA THR A 277 -3.77 -5.92 1.50
C THR A 277 -4.29 -7.33 1.61
N PRO A 278 -3.41 -8.31 1.87
CA PRO A 278 -3.90 -9.68 2.08
C PRO A 278 -4.89 -9.81 3.21
N ASN A 279 -4.82 -8.93 4.21
CA ASN A 279 -5.82 -8.91 5.28
C ASN A 279 -7.18 -8.40 4.80
N GLY A 280 -7.23 -7.76 3.65
CA GLY A 280 -8.40 -7.06 3.19
C GLY A 280 -8.06 -5.63 2.83
N SER A 281 -9.08 -4.93 2.34
CA SER A 281 -8.90 -3.54 1.96
C SER A 281 -8.74 -2.66 3.19
N ILE A 282 -7.94 -1.61 3.06
CA ILE A 282 -7.75 -0.64 4.13
C ILE A 282 -8.00 0.77 3.58
N PRO A 283 -8.53 1.69 4.38
CA PRO A 283 -8.60 3.09 3.93
C PRO A 283 -7.22 3.67 3.77
N ASN A 284 -7.11 4.64 2.87
CA ASN A 284 -5.82 5.24 2.53
C ASN A 284 -5.77 6.72 2.84
N ASP A 285 -6.56 7.17 3.82
CA ASP A 285 -6.50 8.57 4.22
C ASP A 285 -5.21 8.87 4.98
N LYS A 286 -4.73 7.93 5.79
CA LYS A 286 -3.52 8.13 6.56
C LYS A 286 -2.29 7.85 5.71
N PRO A 287 -1.15 8.49 6.02
CA PRO A 287 0.04 8.28 5.21
C PRO A 287 0.77 6.98 5.48
N PHE A 288 0.56 6.35 6.64
CA PHE A 288 1.26 5.13 7.01
C PHE A 288 0.27 4.07 7.46
N GLN A 289 0.74 2.83 7.53
CA GLN A 289 -0.09 1.70 7.95
C GLN A 289 0.82 0.61 8.48
N ASN A 290 0.30 -0.20 9.41
CA ASN A 290 1.03 -1.35 9.91
C ASN A 290 0.21 -2.63 9.76
N VAL A 291 -0.69 -2.66 8.78
CA VAL A 291 -1.52 -3.84 8.53
C VAL A 291 -0.73 -4.92 7.82
N ASN A 292 -0.08 -4.58 6.70
CA ASN A 292 0.65 -5.59 5.95
C ASN A 292 1.64 -4.91 5.02
N ARG A 293 2.87 -5.45 4.97
CA ARG A 293 3.87 -4.95 4.04
C ARG A 293 3.51 -5.24 2.58
N ILE A 294 2.60 -6.18 2.33
CA ILE A 294 2.13 -6.50 0.99
C ILE A 294 0.91 -5.63 0.71
N THR A 295 1.00 -4.80 -0.33
CA THR A 295 -0.09 -3.90 -0.69
C THR A 295 -0.24 -3.83 -2.20
N TYR A 296 -1.41 -3.37 -2.63
CA TYR A 296 -1.69 -3.11 -4.04
C TYR A 296 -2.61 -1.90 -4.12
N GLY A 297 -2.26 -0.95 -4.97
CA GLY A 297 -3.07 0.25 -5.17
C GLY A 297 -2.49 1.45 -4.45
N ALA A 298 -3.33 2.48 -4.34
CA ALA A 298 -2.97 3.71 -3.65
C ALA A 298 -3.01 3.44 -2.15
N CYS A 299 -1.84 3.12 -1.57
CA CYS A 299 -1.78 2.60 -0.22
C CYS A 299 -0.88 3.45 0.66
N PRO A 300 -1.20 3.55 1.95
CA PRO A 300 -0.24 4.13 2.91
C PRO A 300 1.01 3.26 2.98
N ARG A 301 2.11 3.89 3.39
CA ARG A 301 3.39 3.19 3.48
C ARG A 301 3.46 2.35 4.74
N TYR A 302 3.96 1.12 4.59
CA TYR A 302 4.08 0.23 5.74
C TYR A 302 5.19 0.72 6.68
N VAL A 303 4.86 0.77 7.97
CA VAL A 303 5.83 1.12 9.01
C VAL A 303 5.68 0.12 10.14
N LYS A 304 6.71 0.06 10.98
CA LYS A 304 6.70 -0.85 12.12
C LYS A 304 5.85 -0.34 13.28
N GLN A 305 5.64 0.97 13.38
CA GLN A 305 4.89 1.52 14.51
C GLN A 305 3.41 1.17 14.41
N SER A 306 2.81 0.85 15.55
CA SER A 306 1.37 0.60 15.57
C SER A 306 0.57 1.89 15.71
N THR A 307 1.20 3.00 16.09
CA THR A 307 0.48 4.25 16.25
C THR A 307 1.48 5.41 16.19
N LEU A 308 1.07 6.51 15.57
CA LEU A 308 1.85 7.74 15.52
C LEU A 308 0.86 8.90 15.56
N LYS A 309 0.84 9.63 16.67
CA LYS A 309 -0.16 10.67 16.88
C LYS A 309 0.41 12.02 16.45
N LEU A 310 -0.24 12.65 15.48
CA LEU A 310 0.14 13.98 15.02
C LEU A 310 -0.69 15.01 15.77
N ALA A 311 -0.02 15.88 16.52
CA ALA A 311 -0.72 16.90 17.28
C ALA A 311 -1.48 17.84 16.34
N THR A 312 -2.74 18.10 16.67
CA THR A 312 -3.56 19.04 15.91
C THR A 312 -4.09 20.17 16.80
N GLY A 313 -3.41 20.43 17.91
CA GLY A 313 -3.82 21.49 18.81
C GLY A 313 -2.67 21.85 19.70
N MET A 314 -2.89 22.88 20.52
CA MET A 314 -1.84 23.37 21.38
C MET A 314 -1.64 22.44 22.57
N ARG A 315 -0.60 22.71 23.35
CA ARG A 315 -0.40 22.00 24.60
C ARG A 315 -1.61 22.19 25.52
N ASN A 316 -2.08 21.10 26.13
CA ASN A 316 -3.24 21.14 27.03
C ASN A 316 -2.75 21.45 28.45
N VAL A 317 -3.15 22.60 28.98
CA VAL A 317 -2.76 23.01 30.33
C VAL A 317 -4.03 23.23 31.16
N PRO A 318 -4.62 22.20 31.74
CA PRO A 318 -5.88 22.37 32.46
C PRO A 318 -5.69 22.95 33.85
N GLU A 319 -6.79 23.50 34.38
CA GLU A 319 -6.86 24.00 35.76
C GLU A 319 -5.65 24.88 36.13
N GLY B 1 6.90 25.45 25.74
CA GLY B 1 6.93 26.20 24.50
C GLY B 1 8.11 27.14 24.41
N ILE B 2 8.58 27.38 23.19
CA ILE B 2 9.80 28.16 22.99
C ILE B 2 9.58 29.65 23.21
N PHE B 3 8.35 30.12 23.24
CA PHE B 3 8.07 31.52 23.51
C PHE B 3 7.68 31.78 24.97
N GLY B 4 7.36 30.75 25.74
CA GLY B 4 7.17 30.93 27.17
C GLY B 4 5.80 31.41 27.59
N ALA B 5 4.80 31.38 26.69
CA ALA B 5 3.46 31.83 27.03
C ALA B 5 2.59 30.67 27.49
N ILE B 6 2.25 29.78 26.57
CA ILE B 6 1.45 28.60 26.92
C ILE B 6 2.28 27.69 27.81
N ALA B 7 1.69 27.26 28.94
CA ALA B 7 2.42 26.55 29.98
C ALA B 7 3.62 27.37 30.46
N GLY B 8 3.52 28.69 30.35
CA GLY B 8 4.59 29.59 30.73
C GLY B 8 4.07 30.72 31.61
N PHE B 9 4.20 31.97 31.17
CA PHE B 9 3.67 33.05 31.99
C PHE B 9 2.14 33.06 32.04
N ILE B 10 1.48 32.32 31.15
CA ILE B 10 0.07 32.04 31.29
C ILE B 10 -0.06 30.74 32.08
N GLU B 11 -0.68 30.82 33.26
CA GLU B 11 -0.63 29.71 34.21
C GLU B 11 -1.30 28.46 33.66
N ASN B 12 -2.47 28.60 33.06
CA ASN B 12 -3.19 27.46 32.54
C ASN B 12 -4.18 27.92 31.47
N GLY B 13 -4.73 26.95 30.75
CA GLY B 13 -5.74 27.23 29.76
C GLY B 13 -7.13 27.33 30.34
N TRP B 14 -8.07 27.75 29.50
CA TRP B 14 -9.46 27.97 29.90
C TRP B 14 -10.32 26.88 29.29
N GLU B 15 -10.74 25.92 30.13
CA GLU B 15 -11.68 24.91 29.67
C GLU B 15 -13.04 25.51 29.33
N GLY B 16 -13.37 26.67 29.92
CA GLY B 16 -14.61 27.36 29.69
C GLY B 16 -14.70 28.13 28.38
N MET B 17 -13.62 28.22 27.62
CA MET B 17 -13.63 28.87 26.32
C MET B 17 -13.74 27.80 25.23
N VAL B 18 -14.90 27.72 24.60
CA VAL B 18 -15.20 26.66 23.64
C VAL B 18 -15.47 27.18 22.24
N ASP B 19 -15.38 28.49 22.01
CA ASP B 19 -15.59 29.07 20.69
C ASP B 19 -14.31 29.65 20.10
N GLY B 20 -13.16 29.31 20.66
CA GLY B 20 -11.91 29.83 20.14
C GLY B 20 -10.74 29.20 20.86
N TRP B 21 -9.57 29.38 20.26
CA TRP B 21 -8.33 28.88 20.84
C TRP B 21 -7.64 29.91 21.72
N TYR B 22 -7.78 31.18 21.38
CA TYR B 22 -7.23 32.30 22.15
C TYR B 22 -8.33 33.32 22.38
N GLY B 23 -8.21 34.09 23.45
CA GLY B 23 -9.26 35.04 23.76
C GLY B 23 -8.90 35.92 24.93
N PHE B 24 -9.90 36.69 25.36
CA PHE B 24 -9.76 37.68 26.41
C PHE B 24 -10.71 37.38 27.56
N ARG B 25 -10.22 37.54 28.78
CA ARG B 25 -11.08 37.60 29.96
C ARG B 25 -10.85 38.94 30.63
N HIS B 26 -11.95 39.59 31.00
CA HIS B 26 -11.88 40.92 31.56
C HIS B 26 -12.70 41.01 32.84
N GLN B 27 -12.30 41.92 33.71
CA GLN B 27 -13.11 42.35 34.84
C GLN B 27 -13.11 43.87 34.83
N ASN B 28 -14.29 44.46 34.77
CA ASN B 28 -14.41 45.92 34.83
C ASN B 28 -15.56 46.26 35.76
N SER B 29 -16.04 47.49 35.64
CA SER B 29 -17.12 47.98 36.47
C SER B 29 -18.46 47.36 36.14
N GLU B 30 -18.63 46.86 34.92
CA GLU B 30 -19.89 46.28 34.49
C GLU B 30 -19.94 44.77 34.70
N GLY B 31 -18.87 44.14 35.16
CA GLY B 31 -18.85 42.72 35.44
C GLY B 31 -17.58 42.09 34.92
N ARG B 32 -17.66 40.79 34.66
CA ARG B 32 -16.54 40.02 34.12
C ARG B 32 -17.02 39.11 33.01
N GLY B 33 -16.23 38.99 31.96
CA GLY B 33 -16.67 38.29 30.78
C GLY B 33 -15.53 37.62 30.04
N GLN B 34 -15.88 36.97 28.94
CA GLN B 34 -14.95 36.19 28.13
C GLN B 34 -15.30 36.38 26.67
N ALA B 35 -14.27 36.40 25.82
CA ALA B 35 -14.47 36.54 24.39
C ALA B 35 -13.29 35.92 23.65
N ALA B 36 -13.59 35.11 22.64
CA ALA B 36 -12.55 34.50 21.84
C ALA B 36 -12.03 35.47 20.79
N ASP B 37 -10.74 35.37 20.49
CA ASP B 37 -10.12 36.15 19.43
C ASP B 37 -10.09 35.29 18.17
N LEU B 38 -10.83 35.72 17.14
CA LEU B 38 -10.99 34.89 15.95
C LEU B 38 -9.74 34.87 15.10
N LYS B 39 -9.06 36.01 14.95
CA LYS B 39 -7.93 36.10 14.03
C LYS B 39 -6.78 35.20 14.48
N SER B 40 -6.43 35.23 15.77
CA SER B 40 -5.35 34.39 16.25
C SER B 40 -5.76 32.92 16.24
N THR B 41 -7.02 32.62 16.58
CA THR B 41 -7.51 31.26 16.48
C THR B 41 -7.41 30.75 15.05
N GLN B 42 -7.83 31.57 14.08
CA GLN B 42 -7.77 31.18 12.68
C GLN B 42 -6.33 30.98 12.21
N ALA B 43 -5.41 31.82 12.72
CA ALA B 43 -4.02 31.72 12.29
C ALA B 43 -3.41 30.38 12.70
N ALA B 44 -3.70 29.93 13.93
CA ALA B 44 -3.17 28.66 14.38
C ALA B 44 -3.83 27.50 13.65
N ILE B 45 -5.14 27.59 13.40
CA ILE B 45 -5.87 26.52 12.75
C ILE B 45 -5.43 26.38 11.29
N ASP B 46 -5.21 27.52 10.60
CA ASP B 46 -4.77 27.47 9.22
C ASP B 46 -3.42 26.78 9.07
N GLN B 47 -2.51 27.02 10.00
CA GLN B 47 -1.18 26.39 9.93
C GLN B 47 -1.27 24.90 10.18
N ILE B 48 -2.07 24.49 11.16
CA ILE B 48 -2.24 23.06 11.43
C ILE B 48 -2.95 22.37 10.26
N ASN B 49 -3.95 23.04 9.69
CA ASN B 49 -4.61 22.49 8.51
C ASN B 49 -3.67 22.40 7.32
N GLY B 50 -2.70 23.32 7.24
CA GLY B 50 -1.68 23.21 6.21
C GLY B 50 -0.80 21.98 6.39
N LYS B 51 -0.50 21.64 7.65
CA LYS B 51 0.23 20.41 7.93
C LYS B 51 -0.58 19.19 7.53
N LEU B 52 -1.85 19.14 7.95
CA LEU B 52 -2.70 18.01 7.62
C LEU B 52 -2.90 17.87 6.11
N ASN B 53 -2.93 18.98 5.39
CA ASN B 53 -3.23 18.93 3.96
C ASN B 53 -2.17 18.17 3.17
N ARG B 54 -0.92 18.17 3.63
CA ARG B 54 0.13 17.47 2.92
C ARG B 54 0.51 16.14 3.55
N LEU B 55 -0.19 15.71 4.60
CA LEU B 55 0.00 14.39 5.17
C LEU B 55 -1.19 13.46 4.98
N ILE B 56 -2.40 14.01 4.83
CA ILE B 56 -3.62 13.23 4.77
C ILE B 56 -4.07 13.10 3.31
N GLY B 57 -4.37 11.88 2.89
CA GLY B 57 -4.89 11.64 1.55
C GLY B 57 -3.92 11.91 0.43
N LYS B 58 -2.65 11.54 0.60
CA LYS B 58 -1.61 11.81 -0.38
C LYS B 58 -0.80 10.57 -0.72
N THR B 59 -1.43 9.39 -0.69
CA THR B 59 -0.70 8.14 -0.87
C THR B 59 -0.34 7.92 -2.34
N ASN B 60 0.77 7.21 -2.55
CA ASN B 60 1.23 6.87 -3.89
C ASN B 60 0.66 5.52 -4.31
N GLU B 61 0.56 5.33 -5.63
CA GLU B 61 0.06 4.09 -6.20
C GLU B 61 1.22 3.17 -6.53
N LYS B 62 1.20 1.96 -5.98
CA LYS B 62 2.13 0.90 -6.36
C LYS B 62 1.34 -0.31 -6.81
N PHE B 63 1.90 -1.06 -7.75
CA PHE B 63 1.20 -2.22 -8.30
C PHE B 63 2.04 -3.48 -8.14
N HIS B 64 2.54 -4.03 -9.25
CA HIS B 64 3.35 -5.24 -9.14
C HIS B 64 4.72 -4.91 -8.54
N GLN B 65 5.07 -5.65 -7.49
CA GLN B 65 6.33 -5.41 -6.80
C GLN B 65 7.10 -6.72 -6.64
N ILE B 66 7.79 -6.88 -5.52
CA ILE B 66 8.50 -8.12 -5.23
C ILE B 66 7.70 -8.92 -4.22
N GLU B 67 7.96 -10.22 -4.16
CA GLU B 67 7.36 -11.05 -3.13
C GLU B 67 8.01 -10.75 -1.78
N LYS B 68 7.22 -10.87 -0.72
CA LYS B 68 7.67 -10.49 0.61
C LYS B 68 7.42 -11.57 1.66
N GLU B 69 6.76 -12.66 1.29
CA GLU B 69 6.61 -13.84 2.14
C GLU B 69 7.05 -15.06 1.36
N PHE B 70 7.67 -16.01 2.04
CA PHE B 70 8.26 -17.17 1.39
C PHE B 70 7.98 -18.42 2.20
N SER B 71 7.55 -19.48 1.52
CA SER B 71 7.27 -20.75 2.17
C SER B 71 8.45 -21.71 2.13
N GLU B 72 9.45 -21.49 1.28
CA GLU B 72 10.58 -22.40 1.14
C GLU B 72 11.89 -21.66 1.40
N VAL B 73 12.90 -22.41 1.85
CA VAL B 73 14.25 -21.90 1.95
C VAL B 73 14.89 -21.90 0.57
N GLU B 74 15.49 -20.78 0.18
CA GLU B 74 16.05 -20.64 -1.16
C GLU B 74 17.49 -20.15 -1.12
N GLY B 75 17.82 -19.30 -0.15
CA GLY B 75 19.18 -18.84 0.00
C GLY B 75 19.43 -17.44 -0.49
N ARG B 76 20.39 -17.30 -1.41
CA ARG B 76 20.97 -15.99 -1.74
C ARG B 76 19.92 -15.00 -2.23
N ILE B 77 19.12 -15.37 -3.23
CA ILE B 77 18.19 -14.41 -3.81
C ILE B 77 17.11 -14.04 -2.81
N GLN B 78 16.62 -15.03 -2.07
CA GLN B 78 15.62 -14.74 -1.04
C GLN B 78 16.20 -13.87 0.07
N ASP B 79 17.47 -14.10 0.44
CA ASP B 79 18.11 -13.23 1.41
C ASP B 79 18.07 -11.78 0.96
N LEU B 80 18.36 -11.53 -0.32
CA LEU B 80 18.37 -10.18 -0.85
C LEU B 80 16.98 -9.57 -0.89
N GLU B 81 15.98 -10.35 -1.32
CA GLU B 81 14.60 -9.84 -1.35
C GLU B 81 14.14 -9.44 0.04
N LYS B 82 14.43 -10.28 1.05
CA LYS B 82 14.06 -9.94 2.42
C LYS B 82 14.84 -8.73 2.92
N TYR B 83 16.13 -8.66 2.61
CA TYR B 83 16.96 -7.56 3.08
C TYR B 83 16.53 -6.24 2.45
N VAL B 84 16.16 -6.26 1.17
CA VAL B 84 15.69 -5.05 0.51
C VAL B 84 14.43 -4.51 1.18
N GLU B 85 13.47 -5.40 1.48
CA GLU B 85 12.22 -4.97 2.08
C GLU B 85 12.42 -4.52 3.52
N ASP B 86 13.24 -5.25 4.29
CA ASP B 86 13.50 -4.83 5.67
C ASP B 86 14.22 -3.49 5.71
N THR B 87 15.13 -3.26 4.76
CA THR B 87 15.81 -1.97 4.66
C THR B 87 14.83 -0.85 4.38
N LYS B 88 13.92 -1.07 3.43
CA LYS B 88 12.93 -0.06 3.07
C LYS B 88 12.01 0.26 4.24
N ILE B 89 11.53 -0.77 4.94
CA ILE B 89 10.59 -0.56 6.03
C ILE B 89 11.24 0.22 7.17
N ASP B 90 12.52 -0.09 7.46
CA ASP B 90 13.20 0.62 8.53
C ASP B 90 13.40 2.09 8.20
N LEU B 91 13.72 2.40 6.94
CA LEU B 91 13.93 3.79 6.55
C LEU B 91 12.61 4.56 6.57
N TRP B 92 11.52 3.93 6.14
CA TRP B 92 10.22 4.61 6.20
C TRP B 92 9.71 4.73 7.64
N SER B 93 10.00 3.73 8.48
CA SER B 93 9.62 3.85 9.89
C SER B 93 10.39 4.99 10.55
N TYR B 94 11.67 5.16 10.19
CA TYR B 94 12.44 6.29 10.69
C TYR B 94 11.85 7.60 10.19
N ASN B 95 11.52 7.67 8.90
CA ASN B 95 10.91 8.87 8.34
C ASN B 95 9.65 9.25 9.10
N ALA B 96 8.79 8.26 9.37
CA ALA B 96 7.52 8.53 10.05
C ALA B 96 7.75 8.99 11.48
N GLU B 97 8.68 8.35 12.19
CA GLU B 97 8.97 8.74 13.56
C GLU B 97 9.51 10.16 13.63
N LEU B 98 10.49 10.48 12.79
CA LEU B 98 11.08 11.81 12.79
C LEU B 98 10.05 12.85 12.37
N LEU B 99 9.23 12.53 11.36
CA LEU B 99 8.23 13.48 10.87
C LEU B 99 7.28 13.89 11.99
N VAL B 100 6.74 12.93 12.71
CA VAL B 100 5.75 13.25 13.74
C VAL B 100 6.40 14.04 14.87
N ALA B 101 7.63 13.67 15.26
CA ALA B 101 8.30 14.37 16.34
C ALA B 101 8.59 15.82 15.97
N LEU B 102 9.07 16.05 14.73
CA LEU B 102 9.33 17.41 14.27
C LEU B 102 8.06 18.23 14.17
N GLU B 103 7.00 17.64 13.59
CA GLU B 103 5.76 18.37 13.40
C GLU B 103 5.11 18.73 14.73
N ASN B 104 5.12 17.80 15.69
CA ASN B 104 4.51 18.07 16.99
C ASN B 104 5.27 19.14 17.74
N GLN B 105 6.61 19.11 17.69
CA GLN B 105 7.40 20.17 18.30
C GLN B 105 7.08 21.52 17.67
N HIS B 106 6.96 21.55 16.34
CA HIS B 106 6.64 22.78 15.65
C HIS B 106 5.22 23.24 15.95
N THR B 107 4.28 22.30 16.06
CA THR B 107 2.89 22.65 16.36
C THR B 107 2.77 23.27 17.75
N ILE B 108 3.49 22.71 18.73
CA ILE B 108 3.45 23.27 20.08
C ILE B 108 4.05 24.68 20.08
N ASP B 109 5.15 24.87 19.34
CA ASP B 109 5.81 26.16 19.29
C ASP B 109 5.00 27.20 18.53
N LEU B 110 4.33 26.81 17.44
CA LEU B 110 3.56 27.78 16.68
C LEU B 110 2.30 28.21 17.42
N THR B 111 1.67 27.31 18.18
CA THR B 111 0.52 27.71 18.98
C THR B 111 0.95 28.58 20.15
N ASP B 112 2.12 28.29 20.73
CA ASP B 112 2.70 29.16 21.73
C ASP B 112 3.01 30.54 21.15
N SER B 113 3.50 30.57 19.90
CA SER B 113 3.81 31.84 19.25
C SER B 113 2.56 32.68 19.04
N GLU B 114 1.47 32.07 18.56
CA GLU B 114 0.25 32.83 18.32
C GLU B 114 -0.28 33.44 19.61
N MET B 115 -0.14 32.72 20.72
CA MET B 115 -0.53 33.28 22.01
C MET B 115 0.34 34.48 22.37
N ASN B 116 1.65 34.36 22.16
CA ASN B 116 2.56 35.47 22.45
C ASN B 116 2.29 36.66 21.53
N LYS B 117 1.96 36.39 20.26
CA LYS B 117 1.67 37.47 19.32
C LYS B 117 0.46 38.29 19.78
N LEU B 118 -0.61 37.61 20.19
CA LEU B 118 -1.81 38.31 20.63
C LEU B 118 -1.53 39.12 21.89
N PHE B 119 -0.73 38.57 22.80
CA PHE B 119 -0.35 39.32 24.00
C PHE B 119 0.43 40.57 23.64
N GLU B 120 1.44 40.44 22.77
CA GLU B 120 2.24 41.61 22.38
C GLU B 120 1.39 42.64 21.65
N LYS B 121 0.48 42.19 20.78
CA LYS B 121 -0.41 43.09 20.07
C LYS B 121 -1.27 43.89 21.04
N THR B 122 -1.82 43.24 22.06
CA THR B 122 -2.66 43.93 23.03
C THR B 122 -1.83 44.90 23.87
N LYS B 123 -0.63 44.47 24.27
CA LYS B 123 0.25 45.32 25.08
C LYS B 123 0.56 46.63 24.36
N LYS B 124 0.98 46.55 23.09
CA LYS B 124 1.31 47.76 22.35
C LYS B 124 0.08 48.65 22.16
N GLN B 125 -1.09 48.04 22.04
CA GLN B 125 -2.32 48.82 21.88
C GLN B 125 -2.60 49.69 23.10
N LEU B 126 -2.28 49.19 24.29
CA LEU B 126 -2.62 49.90 25.52
C LEU B 126 -1.66 51.05 25.83
N ARG B 127 -0.47 51.06 25.22
CA ARG B 127 0.49 52.16 25.32
C ARG B 127 0.79 52.39 26.80
N GLU B 128 0.66 53.62 27.32
CA GLU B 128 0.95 53.92 28.71
C GLU B 128 -0.26 53.80 29.62
N ASN B 129 -1.35 53.20 29.15
CA ASN B 129 -2.58 53.14 29.93
C ASN B 129 -2.70 51.86 30.77
N ALA B 130 -1.77 50.92 30.63
CA ALA B 130 -1.85 49.66 31.34
C ALA B 130 -0.46 49.16 31.66
N GLU B 131 -0.38 48.21 32.58
CA GLU B 131 0.87 47.59 32.97
C GLU B 131 0.73 46.08 32.95
N ASP B 132 1.78 45.41 32.48
CA ASP B 132 1.81 43.96 32.41
C ASP B 132 2.01 43.39 33.81
N MET B 133 1.04 42.64 34.31
CA MET B 133 1.16 42.02 35.62
C MET B 133 2.07 40.80 35.63
N GLY B 134 2.44 40.29 34.44
CA GLY B 134 3.37 39.18 34.34
C GLY B 134 2.72 37.82 34.18
N ASN B 135 1.39 37.73 34.30
CA ASN B 135 0.68 36.46 34.17
C ASN B 135 -0.28 36.48 32.97
N GLY B 136 0.05 37.27 31.95
CA GLY B 136 -0.85 37.45 30.83
C GLY B 136 -1.98 38.41 31.05
N CYS B 137 -2.05 39.09 32.19
CA CYS B 137 -3.11 40.02 32.51
C CYS B 137 -2.56 41.44 32.54
N PHE B 138 -3.36 42.38 32.04
CA PHE B 138 -3.02 43.80 32.06
C PHE B 138 -3.86 44.50 33.11
N LYS B 139 -3.21 45.30 33.94
CA LYS B 139 -3.92 46.20 34.85
C LYS B 139 -4.16 47.50 34.10
N ILE B 140 -5.42 47.78 33.79
CA ILE B 140 -5.79 48.98 33.04
C ILE B 140 -6.13 50.08 34.04
N TYR B 141 -5.43 51.21 33.95
CA TYR B 141 -5.51 52.27 34.95
C TYR B 141 -6.54 53.34 34.62
N HIS B 142 -7.65 52.98 33.99
CA HIS B 142 -8.74 53.91 33.76
C HIS B 142 -10.04 53.13 33.69
N LYS B 143 -11.15 53.83 33.88
CA LYS B 143 -12.44 53.18 33.73
C LYS B 143 -12.62 52.71 32.30
N CYS B 144 -12.87 51.41 32.13
CA CYS B 144 -12.93 50.77 30.82
C CYS B 144 -14.17 49.90 30.80
N ASP B 145 -15.30 50.47 30.36
CA ASP B 145 -16.56 49.75 30.34
C ASP B 145 -16.55 48.73 29.20
N ASN B 146 -17.70 48.11 28.95
CA ASN B 146 -17.77 47.01 27.97
C ASN B 146 -17.43 47.50 26.57
N ALA B 147 -17.89 48.69 26.21
CA ALA B 147 -17.53 49.26 24.91
C ALA B 147 -16.02 49.51 24.83
N CYS B 148 -15.42 49.93 25.95
CA CYS B 148 -13.98 50.15 25.99
C CYS B 148 -13.21 48.84 25.85
N ILE B 149 -13.66 47.79 26.55
CA ILE B 149 -13.04 46.48 26.40
C ILE B 149 -13.22 45.98 24.97
N GLY B 150 -14.42 46.17 24.41
CA GLY B 150 -14.67 45.74 23.04
C GLY B 150 -13.81 46.45 22.02
N SER B 151 -13.47 47.72 22.28
CA SER B 151 -12.60 48.44 21.37
C SER B 151 -11.18 47.89 21.39
N ILE B 152 -10.72 47.40 22.55
CA ILE B 152 -9.42 46.75 22.61
C ILE B 152 -9.42 45.45 21.82
N ARG B 153 -10.47 44.65 21.99
CA ARG B 153 -10.55 43.37 21.30
C ARG B 153 -10.74 43.56 19.80
N ASN B 154 -11.36 44.66 19.38
CA ASN B 154 -11.58 44.93 17.97
C ASN B 154 -10.42 45.66 17.31
N GLY B 155 -9.43 46.11 18.08
CA GLY B 155 -8.33 46.87 17.54
C GLY B 155 -8.59 48.32 17.27
N THR B 156 -9.68 48.89 17.83
CA THR B 156 -10.04 50.28 17.61
C THR B 156 -9.84 51.13 18.87
N TYR B 157 -9.14 50.62 19.87
CA TYR B 157 -8.92 51.35 21.12
C TYR B 157 -8.01 52.55 20.87
N ASP B 158 -8.48 53.73 21.25
CA ASP B 158 -7.73 54.98 21.10
C ASP B 158 -7.12 55.33 22.46
N HIS B 159 -5.82 55.11 22.60
CA HIS B 159 -5.16 55.29 23.90
C HIS B 159 -5.17 56.75 24.34
N ASN B 160 -5.21 57.69 23.40
CA ASN B 160 -5.18 59.10 23.75
C ASN B 160 -6.43 59.54 24.51
N VAL B 161 -7.55 58.83 24.34
CA VAL B 161 -8.79 59.21 25.02
C VAL B 161 -8.64 59.08 26.52
N TYR B 162 -7.91 58.06 26.97
CA TYR B 162 -7.79 57.75 28.39
C TYR B 162 -6.41 58.05 28.98
N ARG B 163 -5.49 58.61 28.18
CA ARG B 163 -4.10 58.70 28.61
C ARG B 163 -3.95 59.57 29.85
N ASP B 164 -4.60 60.74 29.86
CA ASP B 164 -4.51 61.63 31.02
C ASP B 164 -5.03 60.96 32.28
N GLU B 165 -6.16 60.27 32.18
CA GLU B 165 -6.72 59.56 33.33
C GLU B 165 -5.79 58.44 33.78
N ALA B 166 -5.22 57.69 32.83
CA ALA B 166 -4.38 56.54 33.19
C ALA B 166 -3.06 56.99 33.82
N LEU B 167 -2.40 57.98 33.21
CA LEU B 167 -1.12 58.45 33.76
C LEU B 167 -1.30 58.98 35.19
N ASN B 168 -2.43 59.64 35.45
CA ASN B 168 -2.69 60.15 36.79
C ASN B 168 -2.83 59.02 37.80
N ASN B 169 -3.51 57.94 37.42
CA ASN B 169 -3.67 56.80 38.32
C ASN B 169 -2.37 56.00 38.45
N ARG B 170 -1.58 55.92 37.38
CA ARG B 170 -0.37 55.11 37.41
C ARG B 170 0.69 55.73 38.30
N PHE B 171 0.93 57.04 38.16
CA PHE B 171 2.11 57.65 38.74
C PHE B 171 1.79 58.55 39.92
N GLN B 172 1.20 57.98 40.97
CA GLN B 172 0.93 58.73 42.20
C GLN B 172 2.18 58.80 43.07
#